data_6O6E
#
_entry.id   6O6E
#
_cell.length_a   170.550
_cell.length_b   170.550
_cell.length_c   64.900
_cell.angle_alpha   90.000
_cell.angle_beta   90.000
_cell.angle_gamma   120.000
#
_symmetry.space_group_name_H-M   'P 32 2 1'
#
loop_
_entity.id
_entity.type
_entity.pdbx_description
1 polymer 'L-proline--[L-prolyl-carrier protein] ligase'
2 polymer 'Peptidyl carrier protein PltL'
3 non-polymer 'FORMIC ACID'
4 non-polymer 2-AMINO-2-HYDROXYMETHYL-PROPANE-1,3-DIOL
5 non-polymer 'MALONIC ACID'
6 non-polymer "5'-deoxy-5'-({(2S)-2-({2-[(N-{(2R)-4-[(dioxo-lambda~5~-phosphanyl)oxy]-2-hydroxy-3,3-dimethylbutanoyl}-beta-alanyl)amino]ethyl}sulfanyl)-2-[(2S)-pyrrolidin-2-yl]ethanesulfonyl}amino)adenosine"
7 water water
#
loop_
_entity_poly.entity_id
_entity_poly.type
_entity_poly.pdbx_seq_one_letter_code
_entity_poly.pdbx_strand_id
1 'polypeptide(L)'
;MKLLHERMMHSLARYPRQTAVVDEQDALSYEALELRIREFVAMLCALGVGQGQRILLWAHKSVDLVAVMQAALRLGVVYV
PVDPLSPVSRLEKIAGDSQAVLVLCTAARLEELAGSALAQVRSVVLDDPASAGYWRNIDTGSSVVPTLAIQPDDLAYILY
TSGSTGVPKGVALSHGNALAFVDWACERYCFQPGERFANHAPLHFDLSVLDIYCALNVGATVCLVPESIAFSPRLLTDFI
RQHEISIWYSVPSVLMMMMQDGDLLSDIQDTLRVLLFAGEPFPVKHLRDLRAAYADVRLANLFGPTETNVCTAFEVGAID
PERVLPVPIGTAASGNQVWAQKPDGSRCAVGEEGELVVQGPTVMLGYFAKPAQEGPYKTGDMVRQRPDGNYEYLGRRDDM
LKVRGNRIERGEVEAALLAHPQVSEAAVLVVGEGMNAQLWGVLVAHTRDALSLIDLKRHCAQRLPRYMIIDKVLCLDALP
RNANGKVDRFALARQVEGKLAAALEHHHHHHHH
;
B
2 'polypeptide(L)'
;MDGEEVKEKIRRYIMEDLIGPSAKEDELDDQTPLLEWGILNSMNIVKLMVYIRDEMGVSIPSTHITGKYFKDLNAISRTV
EQLKAESALEHHHHHH
;
E
#
# COMPACT_ATOMS: atom_id res chain seq x y z
N LYS A 2 -0.04 -28.44 2.02
CA LYS A 2 0.16 -27.90 0.65
C LYS A 2 -0.47 -26.48 0.54
N LEU A 3 -1.78 -26.37 0.27
CA LEU A 3 -2.56 -25.11 -0.03
C LEU A 3 -2.45 -24.02 1.07
N LEU A 4 -2.77 -22.77 0.73
CA LEU A 4 -2.60 -21.61 1.65
C LEU A 4 -3.29 -21.89 3.00
N HIS A 5 -4.59 -22.19 3.00
CA HIS A 5 -5.35 -22.39 4.26
C HIS A 5 -4.79 -23.56 5.07
N GLU A 6 -4.23 -24.57 4.41
CA GLU A 6 -3.62 -25.75 5.08
C GLU A 6 -2.36 -25.36 5.84
N ARG A 7 -1.70 -24.23 5.54
CA ARG A 7 -0.42 -23.92 6.24
C ARG A 7 -0.73 -23.44 7.67
N MET A 8 -1.83 -22.68 7.83
CA MET A 8 -2.39 -22.30 9.15
C MET A 8 -2.71 -23.59 9.93
N MET A 9 -3.44 -24.52 9.31
CA MET A 9 -3.90 -25.77 9.94
C MET A 9 -2.67 -26.57 10.41
N HIS A 10 -1.63 -26.66 9.60
CA HIS A 10 -0.38 -27.31 10.06
C HIS A 10 0.14 -26.57 11.29
N SER A 11 0.14 -25.25 11.30
CA SER A 11 0.71 -24.44 12.41
C SER A 11 -0.12 -24.62 13.70
N LEU A 12 -1.44 -24.69 13.53
CA LEU A 12 -2.44 -24.89 14.60
C LEU A 12 -2.10 -26.17 15.37
N ALA A 13 -1.98 -27.28 14.66
CA ALA A 13 -1.64 -28.62 15.21
C ALA A 13 -0.36 -28.56 16.04
N ARG A 14 0.66 -27.82 15.61
CA ARG A 14 1.97 -27.80 16.33
C ARG A 14 1.97 -26.69 17.41
N TYR A 15 1.07 -25.70 17.38
CA TYR A 15 1.25 -24.49 18.22
C TYR A 15 -0.08 -23.81 18.54
N PRO A 16 -1.05 -24.56 19.09
CA PRO A 16 -2.43 -24.06 19.12
C PRO A 16 -2.55 -22.92 20.15
N ARG A 17 -1.56 -22.86 21.05
CA ARG A 17 -1.55 -21.91 22.17
C ARG A 17 -0.69 -20.67 21.85
N GLN A 18 0.20 -20.71 20.85
CA GLN A 18 0.96 -19.48 20.44
C GLN A 18 -0.02 -18.40 19.95
N THR A 19 0.31 -17.14 20.13
CA THR A 19 -0.44 -16.00 19.53
C THR A 19 -0.18 -16.00 18.01
N ALA A 20 -1.26 -16.05 17.23
CA ALA A 20 -1.21 -16.12 15.75
C ALA A 20 -1.23 -14.67 15.18
N VAL A 21 -2.24 -13.89 15.56
CA VAL A 21 -2.56 -12.59 14.94
C VAL A 21 -2.90 -11.57 16.04
N VAL A 22 -2.29 -10.40 15.97
CA VAL A 22 -2.43 -9.25 16.91
C VAL A 22 -2.85 -8.02 16.10
N ASP A 23 -3.79 -7.26 16.64
CA ASP A 23 -4.08 -5.90 16.12
C ASP A 23 -4.03 -4.92 17.29
N GLU A 24 -4.31 -3.65 17.01
CA GLU A 24 -4.27 -2.55 18.00
C GLU A 24 -5.17 -2.91 19.19
N GLN A 25 -6.32 -3.56 18.98
CA GLN A 25 -7.28 -3.83 20.08
C GLN A 25 -7.21 -5.28 20.61
N ASP A 26 -6.81 -6.26 19.81
CA ASP A 26 -7.20 -7.67 20.07
C ASP A 26 -6.09 -8.59 19.56
N ALA A 27 -6.04 -9.81 20.05
CA ALA A 27 -5.09 -10.84 19.63
C ALA A 27 -5.76 -12.20 19.72
N LEU A 28 -5.31 -13.17 18.92
CA LEU A 28 -5.87 -14.52 18.87
C LEU A 28 -4.71 -15.51 18.84
N SER A 29 -4.84 -16.54 19.65
CA SER A 29 -4.06 -17.81 19.54
C SER A 29 -4.46 -18.50 18.23
N TYR A 30 -3.61 -19.41 17.78
CA TYR A 30 -3.95 -20.33 16.67
C TYR A 30 -5.33 -20.97 16.96
N GLU A 31 -5.60 -21.41 18.19
CA GLU A 31 -6.91 -22.10 18.51
C GLU A 31 -8.08 -21.13 18.31
N ALA A 32 -7.91 -19.90 18.79
CA ALA A 32 -8.98 -18.89 18.83
C ALA A 32 -9.22 -18.38 17.41
N LEU A 33 -8.12 -18.16 16.67
CA LEU A 33 -8.15 -17.92 15.20
C LEU A 33 -8.92 -19.06 14.52
N GLU A 34 -8.58 -20.33 14.82
CA GLU A 34 -9.26 -21.50 14.18
C GLU A 34 -10.78 -21.45 14.41
N LEU A 35 -11.25 -21.09 15.61
CA LEU A 35 -12.70 -21.08 15.92
C LEU A 35 -13.34 -19.88 15.21
N ARG A 36 -12.63 -18.76 15.18
CA ARG A 36 -13.15 -17.54 14.48
C ARG A 36 -13.30 -17.86 12.99
N ILE A 37 -12.26 -18.47 12.40
CA ILE A 37 -12.30 -18.92 10.99
C ILE A 37 -13.53 -19.79 10.78
N ARG A 38 -13.70 -20.81 11.62
CA ARG A 38 -14.79 -21.81 11.43
C ARG A 38 -16.13 -21.09 11.47
N GLU A 39 -16.22 -20.05 12.30
CA GLU A 39 -17.49 -19.27 12.49
C GLU A 39 -17.76 -18.43 11.24
N PHE A 40 -16.71 -17.86 10.64
CA PHE A 40 -16.84 -17.11 9.36
C PHE A 40 -17.22 -18.06 8.23
N VAL A 41 -16.71 -19.29 8.25
CA VAL A 41 -17.06 -20.33 7.24
C VAL A 41 -18.57 -20.63 7.30
N ALA A 42 -19.09 -20.86 8.50
CA ALA A 42 -20.54 -21.08 8.70
C ALA A 42 -21.30 -19.89 8.13
N MET A 43 -20.73 -18.67 8.26
CA MET A 43 -21.44 -17.41 7.93
C MET A 43 -21.49 -17.26 6.41
N LEU A 44 -20.36 -17.45 5.73
CA LEU A 44 -20.25 -17.44 4.24
C LEU A 44 -21.20 -18.51 3.68
N CYS A 45 -21.23 -19.72 4.22
CA CYS A 45 -22.16 -20.79 3.78
C CYS A 45 -23.61 -20.37 4.01
N ALA A 46 -23.94 -19.81 5.18
CA ALA A 46 -25.33 -19.39 5.49
C ALA A 46 -25.71 -18.29 4.50
N LEU A 47 -24.76 -17.44 4.10
CA LEU A 47 -25.05 -16.30 3.19
C LEU A 47 -25.17 -16.79 1.74
N GLY A 48 -24.75 -18.02 1.44
CA GLY A 48 -24.83 -18.62 0.09
C GLY A 48 -23.66 -18.25 -0.80
N VAL A 49 -22.55 -17.79 -0.21
CA VAL A 49 -21.31 -17.42 -0.94
C VAL A 49 -20.58 -18.73 -1.22
N GLY A 50 -20.40 -19.02 -2.52
CA GLY A 50 -19.85 -20.29 -3.00
C GLY A 50 -18.47 -20.12 -3.60
N GLN A 51 -17.80 -21.26 -3.80
CA GLN A 51 -16.49 -21.37 -4.47
C GLN A 51 -16.48 -20.49 -5.72
N GLY A 52 -15.44 -19.67 -5.85
CA GLY A 52 -15.18 -18.82 -7.01
C GLY A 52 -15.89 -17.49 -6.95
N GLN A 53 -16.95 -17.33 -6.15
CA GLN A 53 -17.61 -16.01 -5.96
C GLN A 53 -16.65 -15.05 -5.23
N ARG A 54 -16.84 -13.73 -5.44
CA ARG A 54 -15.94 -12.68 -4.89
C ARG A 54 -16.62 -11.99 -3.69
N ILE A 55 -15.82 -11.68 -2.69
CA ILE A 55 -16.20 -10.88 -1.50
C ILE A 55 -15.19 -9.74 -1.35
N LEU A 56 -15.68 -8.57 -0.94
CA LEU A 56 -14.84 -7.35 -0.74
C LEU A 56 -14.62 -7.14 0.76
N LEU A 57 -13.36 -6.98 1.13
CA LEU A 57 -12.93 -6.59 2.49
C LEU A 57 -12.65 -5.09 2.52
N TRP A 58 -13.53 -4.29 3.13
CA TRP A 58 -13.38 -2.82 3.23
C TRP A 58 -13.50 -2.38 4.70
N ALA A 59 -12.37 -2.46 5.41
CA ALA A 59 -12.26 -2.14 6.85
C ALA A 59 -10.78 -2.08 7.21
N HIS A 60 -10.44 -1.30 8.24
CA HIS A 60 -9.07 -1.27 8.80
C HIS A 60 -8.64 -2.70 9.14
N LYS A 61 -7.36 -3.00 8.91
CA LYS A 61 -6.73 -4.29 9.24
C LYS A 61 -7.18 -4.71 10.65
N SER A 62 -7.55 -5.97 10.84
CA SER A 62 -8.02 -6.52 12.14
C SER A 62 -7.80 -8.03 12.19
N VAL A 63 -7.81 -8.63 13.38
CA VAL A 63 -7.73 -10.12 13.49
C VAL A 63 -8.96 -10.71 12.76
N ASP A 64 -10.12 -10.06 12.76
CA ASP A 64 -11.32 -10.61 12.06
C ASP A 64 -11.04 -10.71 10.54
N LEU A 65 -10.39 -9.72 9.94
CA LEU A 65 -10.06 -9.74 8.50
C LEU A 65 -9.18 -10.98 8.22
N VAL A 66 -8.08 -11.18 8.96
CA VAL A 66 -7.21 -12.37 8.78
C VAL A 66 -8.07 -13.64 8.92
N ALA A 67 -9.00 -13.71 9.88
CA ALA A 67 -9.89 -14.88 10.00
C ALA A 67 -10.75 -15.03 8.74
N VAL A 68 -11.39 -13.97 8.27
CA VAL A 68 -12.28 -13.97 7.07
C VAL A 68 -11.47 -14.44 5.84
N MET A 69 -10.25 -13.95 5.67
CA MET A 69 -9.40 -14.32 4.52
C MET A 69 -9.28 -15.84 4.51
N GLN A 70 -8.89 -16.38 5.66
CA GLN A 70 -8.64 -17.82 5.84
C GLN A 70 -9.96 -18.59 5.70
N ALA A 71 -11.12 -18.02 6.06
CA ALA A 71 -12.43 -18.69 5.89
C ALA A 71 -12.72 -18.82 4.40
N ALA A 72 -12.58 -17.73 3.66
CA ALA A 72 -12.76 -17.67 2.19
C ALA A 72 -11.83 -18.71 1.52
N LEU A 73 -10.55 -18.76 1.89
CA LEU A 73 -9.60 -19.73 1.28
C LEU A 73 -10.18 -21.15 1.35
N ARG A 74 -10.65 -21.55 2.52
CA ARG A 74 -11.16 -22.92 2.78
C ARG A 74 -12.39 -23.19 1.92
N LEU A 75 -13.18 -22.19 1.57
CA LEU A 75 -14.38 -22.42 0.74
C LEU A 75 -14.06 -22.09 -0.72
N GLY A 76 -12.77 -21.90 -1.04
CA GLY A 76 -12.33 -21.29 -2.31
C GLY A 76 -13.23 -20.13 -2.72
N VAL A 77 -13.66 -19.30 -1.75
CA VAL A 77 -14.32 -17.99 -2.03
C VAL A 77 -13.19 -16.98 -2.26
N VAL A 78 -13.35 -16.12 -3.26
CA VAL A 78 -12.23 -15.24 -3.70
C VAL A 78 -12.40 -13.94 -2.92
N TYR A 79 -11.41 -13.59 -2.08
CA TYR A 79 -11.43 -12.39 -1.23
C TYR A 79 -10.64 -11.29 -1.94
N VAL A 80 -11.21 -10.07 -1.88
CA VAL A 80 -10.70 -8.85 -2.54
C VAL A 80 -10.46 -7.77 -1.47
N PRO A 81 -9.23 -7.64 -0.93
CA PRO A 81 -8.89 -6.52 -0.06
C PRO A 81 -8.93 -5.18 -0.82
N VAL A 82 -9.83 -4.30 -0.38
CA VAL A 82 -10.04 -2.90 -0.83
C VAL A 82 -9.49 -1.90 0.20
N ASP A 83 -8.54 -1.06 -0.22
CA ASP A 83 -7.96 0.06 0.57
C ASP A 83 -9.05 0.71 1.42
N PRO A 84 -8.92 0.62 2.75
CA PRO A 84 -9.92 1.20 3.64
C PRO A 84 -9.81 2.74 3.68
N LEU A 85 -8.64 3.29 3.37
CA LEU A 85 -8.43 4.76 3.19
C LEU A 85 -8.85 5.20 1.79
N SER A 86 -9.76 4.52 1.11
CA SER A 86 -10.13 4.90 -0.27
C SER A 86 -11.64 4.95 -0.38
N PRO A 87 -12.18 5.90 -1.19
CA PRO A 87 -13.58 6.29 -1.07
C PRO A 87 -14.52 5.27 -1.73
N VAL A 88 -15.80 5.40 -1.42
CA VAL A 88 -16.84 4.43 -1.85
C VAL A 88 -16.90 4.44 -3.38
N SER A 89 -16.60 5.56 -4.04
CA SER A 89 -16.73 5.67 -5.53
C SER A 89 -15.71 4.73 -6.16
N ARG A 90 -14.52 4.58 -5.58
CA ARG A 90 -13.51 3.62 -6.08
C ARG A 90 -13.87 2.17 -5.73
N LEU A 91 -14.53 1.93 -4.59
CA LEU A 91 -15.03 0.58 -4.25
C LEU A 91 -16.08 0.22 -5.29
N GLU A 92 -16.89 1.18 -5.73
CA GLU A 92 -17.95 0.89 -6.75
C GLU A 92 -17.29 0.36 -8.03
N LYS A 93 -16.16 0.95 -8.43
CA LYS A 93 -15.45 0.49 -9.65
C LYS A 93 -14.93 -0.92 -9.38
N ILE A 94 -14.22 -1.15 -8.28
CA ILE A 94 -13.71 -2.50 -7.93
C ILE A 94 -14.91 -3.45 -7.75
N ALA A 95 -16.00 -3.00 -7.15
CA ALA A 95 -17.20 -3.84 -7.01
C ALA A 95 -17.71 -4.22 -8.41
N GLY A 96 -17.78 -3.24 -9.33
CA GLY A 96 -18.21 -3.47 -10.74
C GLY A 96 -17.32 -4.50 -11.44
N ASP A 97 -16.00 -4.34 -11.33
CA ASP A 97 -15.02 -5.15 -12.06
C ASP A 97 -15.03 -6.59 -11.51
N SER A 98 -15.00 -6.77 -10.19
CA SER A 98 -14.91 -8.10 -9.52
C SER A 98 -16.28 -8.78 -9.57
N GLN A 99 -17.33 -7.98 -9.71
CA GLN A 99 -18.75 -8.45 -9.64
C GLN A 99 -18.94 -9.25 -8.32
N ALA A 100 -18.40 -8.73 -7.21
CA ALA A 100 -18.48 -9.31 -5.86
C ALA A 100 -19.91 -9.22 -5.31
N VAL A 101 -20.27 -10.21 -4.50
CA VAL A 101 -21.65 -10.44 -3.99
C VAL A 101 -21.75 -10.14 -2.49
N LEU A 102 -20.63 -9.81 -1.85
CA LEU A 102 -20.58 -9.47 -0.42
C LEU A 102 -19.53 -8.39 -0.17
N VAL A 103 -19.88 -7.44 0.70
CA VAL A 103 -18.95 -6.46 1.35
C VAL A 103 -18.85 -6.75 2.84
N LEU A 104 -17.62 -6.88 3.34
CA LEU A 104 -17.36 -6.95 4.79
C LEU A 104 -16.70 -5.63 5.19
N CYS A 105 -17.44 -4.81 5.95
CA CYS A 105 -17.02 -3.45 6.37
C CYS A 105 -17.28 -3.28 7.87
N THR A 106 -17.07 -2.07 8.38
CA THR A 106 -17.41 -1.64 9.76
C THR A 106 -18.79 -0.99 9.71
N ALA A 107 -19.44 -0.76 10.86
CA ALA A 107 -20.78 -0.12 10.91
C ALA A 107 -20.70 1.33 10.42
N ALA A 108 -19.54 1.98 10.57
CA ALA A 108 -19.30 3.38 10.14
C ALA A 108 -19.41 3.47 8.60
N ARG A 109 -18.90 2.46 7.90
CA ARG A 109 -18.89 2.43 6.42
C ARG A 109 -20.30 2.14 5.86
N LEU A 110 -21.29 1.67 6.64
CA LEU A 110 -22.61 1.33 6.08
C LEU A 110 -23.22 2.54 5.40
N GLU A 111 -22.97 3.75 5.92
CA GLU A 111 -23.67 4.97 5.43
C GLU A 111 -23.20 5.28 4.00
N GLU A 112 -21.88 5.31 3.78
CA GLU A 112 -21.26 5.41 2.42
C GLU A 112 -21.93 4.39 1.49
N LEU A 113 -21.93 3.09 1.82
CA LEU A 113 -22.51 2.04 0.95
C LEU A 113 -23.98 2.33 0.63
N ALA A 114 -24.71 2.95 1.56
CA ALA A 114 -26.17 3.14 1.47
C ALA A 114 -26.52 3.98 0.24
N GLY A 115 -25.79 5.07 0.00
CA GLY A 115 -26.02 5.96 -1.17
C GLY A 115 -25.38 5.43 -2.46
N SER A 116 -24.42 4.52 -2.34
CA SER A 116 -23.52 4.07 -3.45
C SER A 116 -24.27 3.17 -4.44
N ALA A 117 -23.57 2.83 -5.53
CA ALA A 117 -23.96 1.87 -6.57
C ALA A 117 -23.98 0.43 -6.04
N LEU A 118 -23.33 0.13 -4.91
CA LEU A 118 -23.36 -1.26 -4.39
C LEU A 118 -24.19 -1.32 -3.10
N ALA A 119 -25.07 -0.34 -2.92
CA ALA A 119 -26.18 -0.35 -1.94
C ALA A 119 -26.90 -1.72 -1.94
N GLN A 120 -27.15 -2.32 -3.10
CA GLN A 120 -27.96 -3.55 -3.21
C GLN A 120 -27.09 -4.79 -3.00
N VAL A 121 -25.76 -4.65 -2.88
CA VAL A 121 -24.86 -5.78 -2.47
C VAL A 121 -24.99 -6.01 -0.96
N ARG A 122 -25.02 -7.28 -0.56
CA ARG A 122 -25.07 -7.65 0.88
C ARG A 122 -23.83 -7.09 1.59
N SER A 123 -24.02 -6.42 2.72
CA SER A 123 -22.93 -6.10 3.67
C SER A 123 -23.16 -6.80 5.02
N VAL A 124 -22.05 -7.07 5.68
CA VAL A 124 -22.05 -7.55 7.07
C VAL A 124 -20.98 -6.75 7.82
N VAL A 125 -21.32 -6.34 9.04
CA VAL A 125 -20.44 -5.54 9.93
C VAL A 125 -19.59 -6.52 10.72
N LEU A 126 -18.29 -6.26 10.77
CA LEU A 126 -17.27 -7.00 11.54
C LEU A 126 -17.09 -6.46 12.96
N ASP A 127 -17.33 -5.16 13.23
CA ASP A 127 -16.83 -4.48 14.47
C ASP A 127 -17.96 -4.35 15.53
N ASP A 128 -19.08 -3.72 15.19
CA ASP A 128 -20.06 -3.20 16.18
C ASP A 128 -21.19 -4.20 16.36
N PRO A 129 -21.23 -4.92 17.52
CA PRO A 129 -22.29 -5.88 17.79
C PRO A 129 -23.71 -5.30 17.78
N ALA A 130 -23.82 -3.97 17.86
CA ALA A 130 -25.11 -3.27 18.00
C ALA A 130 -25.78 -3.20 16.63
N SER A 131 -24.95 -3.18 15.57
CA SER A 131 -25.35 -3.01 14.16
C SER A 131 -26.21 -4.19 13.70
N ALA A 132 -27.39 -3.93 13.13
CA ALA A 132 -28.28 -4.99 12.57
C ALA A 132 -27.49 -5.89 11.59
N GLY A 133 -26.44 -5.36 10.96
CA GLY A 133 -25.60 -6.13 10.02
C GLY A 133 -24.46 -6.86 10.68
N TYR A 134 -24.41 -6.91 12.00
CA TYR A 134 -23.28 -7.59 12.70
C TYR A 134 -23.31 -9.05 12.26
N TRP A 135 -22.12 -9.55 12.00
CA TRP A 135 -21.93 -10.89 11.41
C TRP A 135 -22.49 -12.00 12.28
N ARG A 136 -22.46 -11.84 13.61
CA ARG A 136 -22.97 -12.92 14.52
C ARG A 136 -24.50 -12.97 14.44
N ASN A 137 -25.17 -11.94 13.94
CA ASN A 137 -26.66 -11.92 13.82
C ASN A 137 -27.15 -12.82 12.69
N ILE A 138 -26.26 -13.34 11.85
CA ILE A 138 -26.61 -14.20 10.69
C ILE A 138 -26.74 -15.63 11.22
N ASP A 139 -27.94 -16.22 11.10
CA ASP A 139 -28.25 -17.57 11.63
C ASP A 139 -27.63 -18.62 10.70
N THR A 140 -26.81 -19.51 11.26
CA THR A 140 -26.06 -20.56 10.52
C THR A 140 -26.56 -21.97 10.85
N GLY A 141 -27.57 -22.14 11.71
CA GLY A 141 -28.08 -23.48 12.09
C GLY A 141 -28.46 -24.33 10.88
N SER A 142 -29.28 -23.78 9.97
CA SER A 142 -29.88 -24.46 8.79
C SER A 142 -28.94 -24.39 7.58
N SER A 143 -27.60 -24.48 7.79
CA SER A 143 -26.52 -24.26 6.79
C SER A 143 -25.41 -25.32 6.98
N VAL A 144 -24.82 -25.81 5.88
CA VAL A 144 -23.79 -26.91 5.88
C VAL A 144 -22.61 -26.54 4.97
N VAL A 145 -21.39 -26.97 5.33
CA VAL A 145 -20.12 -26.71 4.59
C VAL A 145 -20.12 -27.57 3.33
N PRO A 146 -20.07 -27.00 2.09
CA PRO A 146 -19.99 -27.81 0.87
C PRO A 146 -18.81 -28.79 0.83
N THR A 147 -19.04 -29.93 0.16
CA THR A 147 -18.00 -30.93 -0.21
C THR A 147 -17.33 -30.38 -1.47
N LEU A 148 -16.02 -30.10 -1.38
CA LEU A 148 -15.24 -29.51 -2.50
C LEU A 148 -13.74 -29.70 -2.21
N ALA A 149 -12.95 -29.67 -3.28
CA ALA A 149 -11.48 -29.66 -3.27
C ALA A 149 -11.00 -28.45 -4.06
N ILE A 150 -9.77 -28.07 -3.81
CA ILE A 150 -9.18 -26.81 -4.28
C ILE A 150 -7.80 -27.24 -4.75
N GLN A 151 -7.36 -26.78 -5.91
CA GLN A 151 -6.02 -27.12 -6.46
C GLN A 151 -5.14 -25.88 -6.40
N PRO A 152 -3.82 -26.09 -6.31
CA PRO A 152 -2.85 -25.00 -6.24
C PRO A 152 -3.05 -23.85 -7.24
N ASP A 153 -3.68 -24.11 -8.39
CA ASP A 153 -3.80 -23.14 -9.50
C ASP A 153 -5.12 -22.38 -9.40
N ASP A 154 -5.99 -22.72 -8.44
CA ASP A 154 -7.28 -22.00 -8.25
C ASP A 154 -7.00 -20.59 -7.73
N LEU A 155 -7.83 -19.65 -8.19
CA LEU A 155 -7.85 -18.23 -7.78
C LEU A 155 -8.10 -18.18 -6.28
N ALA A 156 -7.18 -17.62 -5.47
CA ALA A 156 -7.30 -17.52 -3.99
C ALA A 156 -7.85 -16.12 -3.62
N TYR A 157 -7.15 -15.07 -4.06
CA TYR A 157 -7.49 -13.63 -3.89
C TYR A 157 -7.11 -12.80 -5.14
N ILE A 158 -7.71 -11.62 -5.26
CA ILE A 158 -7.38 -10.56 -6.25
C ILE A 158 -6.91 -9.31 -5.49
N LEU A 159 -5.69 -8.85 -5.79
CA LEU A 159 -5.11 -7.53 -5.41
C LEU A 159 -5.33 -6.50 -6.54
N TYR A 160 -6.31 -5.60 -6.40
CA TYR A 160 -6.52 -4.47 -7.32
C TYR A 160 -5.34 -3.48 -7.30
N THR A 161 -5.06 -2.89 -8.46
CA THR A 161 -3.93 -1.98 -8.79
C THR A 161 -4.49 -0.81 -9.61
N SER A 162 -3.76 0.31 -9.65
CA SER A 162 -4.17 1.54 -10.36
C SER A 162 -4.45 1.20 -11.84
N GLY A 163 -5.62 1.59 -12.35
CA GLY A 163 -6.01 1.43 -13.76
C GLY A 163 -5.81 2.72 -14.56
N SER A 164 -5.13 2.64 -15.73
CA SER A 164 -4.91 3.78 -16.67
C SER A 164 -6.24 4.42 -17.12
N THR A 165 -7.34 3.67 -17.18
CA THR A 165 -8.68 4.20 -17.55
C THR A 165 -9.49 4.65 -16.32
N GLY A 166 -8.93 4.55 -15.11
CA GLY A 166 -9.61 4.91 -13.86
C GLY A 166 -10.40 3.76 -13.25
N VAL A 167 -10.59 2.66 -13.98
CA VAL A 167 -11.09 1.40 -13.38
C VAL A 167 -9.87 0.62 -12.95
N PRO A 168 -9.69 0.33 -11.63
CA PRO A 168 -8.52 -0.43 -11.18
C PRO A 168 -8.56 -1.85 -11.75
N LYS A 169 -7.38 -2.47 -11.90
CA LYS A 169 -7.13 -3.80 -12.53
C LYS A 169 -6.94 -4.82 -11.40
N GLY A 170 -7.59 -5.98 -11.50
CA GLY A 170 -7.42 -7.06 -10.51
C GLY A 170 -6.35 -8.08 -10.85
N VAL A 171 -5.18 -8.02 -10.20
CA VAL A 171 -4.15 -9.10 -10.29
C VAL A 171 -4.71 -10.35 -9.64
N ALA A 172 -5.23 -11.28 -10.43
CA ALA A 172 -5.87 -12.53 -9.94
C ALA A 172 -4.78 -13.54 -9.63
N LEU A 173 -4.66 -13.98 -8.38
CA LEU A 173 -3.52 -14.79 -7.89
C LEU A 173 -4.03 -16.06 -7.26
N SER A 174 -3.22 -17.10 -7.34
CA SER A 174 -3.58 -18.50 -6.96
C SER A 174 -2.90 -18.90 -5.66
N HIS A 175 -3.33 -20.01 -5.07
CA HIS A 175 -2.61 -20.65 -3.95
C HIS A 175 -1.12 -20.76 -4.32
N GLY A 176 -0.81 -21.24 -5.53
CA GLY A 176 0.57 -21.56 -5.98
C GLY A 176 1.40 -20.30 -6.16
N ASN A 177 0.76 -19.24 -6.64
CA ASN A 177 1.38 -17.90 -6.75
C ASN A 177 1.86 -17.46 -5.36
N ALA A 178 0.94 -17.43 -4.39
CA ALA A 178 1.19 -17.06 -2.98
C ALA A 178 2.28 -17.96 -2.42
N LEU A 179 2.09 -19.27 -2.50
CA LEU A 179 2.93 -20.25 -1.76
C LEU A 179 4.35 -20.30 -2.29
N ALA A 180 4.57 -20.05 -3.58
CA ALA A 180 5.93 -20.04 -4.16
C ALA A 180 6.74 -18.88 -3.57
N PHE A 181 6.09 -17.74 -3.30
CA PHE A 181 6.72 -16.61 -2.56
C PHE A 181 6.98 -17.00 -1.09
N VAL A 182 5.93 -17.40 -0.38
CA VAL A 182 5.95 -17.76 1.09
C VAL A 182 7.06 -18.78 1.34
N ASP A 183 7.09 -19.90 0.60
CA ASP A 183 8.06 -20.99 0.82
C ASP A 183 9.47 -20.48 0.53
N TRP A 184 9.60 -19.62 -0.48
CA TRP A 184 10.90 -19.04 -0.89
C TRP A 184 11.44 -18.16 0.25
N ALA A 185 10.58 -17.32 0.83
CA ALA A 185 10.95 -16.34 1.88
C ALA A 185 11.27 -17.08 3.19
N CYS A 186 10.37 -17.98 3.58
CA CYS A 186 10.51 -18.86 4.77
C CYS A 186 11.87 -19.54 4.70
N GLU A 187 12.24 -20.16 3.56
CA GLU A 187 13.57 -20.83 3.46
C GLU A 187 14.69 -19.79 3.46
N ARG A 188 14.50 -18.62 2.86
CA ARG A 188 15.61 -17.68 2.56
C ARG A 188 16.01 -16.91 3.82
N TYR A 189 15.03 -16.45 4.60
CA TYR A 189 15.25 -15.63 5.81
C TYR A 189 15.09 -16.49 7.08
N CYS A 190 14.86 -17.81 6.94
CA CYS A 190 14.92 -18.81 8.04
C CYS A 190 13.95 -18.40 9.13
N PHE A 191 12.69 -18.24 8.78
CA PHE A 191 11.61 -17.78 9.68
C PHE A 191 11.25 -18.91 10.65
N GLN A 192 11.14 -18.59 11.94
CA GLN A 192 11.05 -19.59 13.04
C GLN A 192 9.71 -19.48 13.73
N PRO A 193 9.25 -20.56 14.38
CA PRO A 193 8.07 -20.47 15.25
C PRO A 193 8.38 -19.43 16.31
N GLY A 194 7.37 -18.66 16.75
CA GLY A 194 7.53 -17.74 17.89
C GLY A 194 8.16 -16.42 17.48
N GLU A 195 8.53 -16.29 16.20
CA GLU A 195 9.01 -15.01 15.59
C GLU A 195 7.81 -14.05 15.46
N ARG A 196 8.08 -12.75 15.54
CA ARG A 196 7.03 -11.72 15.49
C ARG A 196 7.23 -10.84 14.23
N PHE A 197 6.25 -10.92 13.32
CA PHE A 197 6.20 -10.19 12.03
C PHE A 197 5.32 -8.95 12.17
N ALA A 198 5.89 -7.78 11.87
CA ALA A 198 5.10 -6.54 11.68
C ALA A 198 4.44 -6.58 10.29
N ASN A 199 3.16 -6.29 10.24
CA ASN A 199 2.41 -6.08 8.99
C ASN A 199 2.20 -4.57 8.81
N HIS A 200 3.17 -3.89 8.20
CA HIS A 200 3.06 -2.44 7.89
C HIS A 200 2.05 -2.19 6.76
N ALA A 201 2.17 -2.91 5.64
CA ALA A 201 1.45 -2.64 4.39
C ALA A 201 -0.02 -2.92 4.61
N PRO A 202 -0.91 -2.20 3.91
CA PRO A 202 -2.32 -2.56 3.88
C PRO A 202 -2.50 -3.88 3.14
N LEU A 203 -3.67 -4.50 3.32
CA LEU A 203 -3.96 -5.89 2.85
C LEU A 203 -4.05 -5.99 1.33
N HIS A 204 -4.32 -4.88 0.62
CA HIS A 204 -4.45 -4.86 -0.87
C HIS A 204 -3.07 -4.78 -1.53
N PHE A 205 -1.98 -4.60 -0.78
CA PHE A 205 -0.61 -4.72 -1.32
C PHE A 205 -0.05 -6.08 -0.95
N ASP A 206 0.88 -6.55 -1.76
CA ASP A 206 1.41 -7.93 -1.64
C ASP A 206 2.57 -7.96 -0.63
N LEU A 207 2.92 -6.83 0.01
CA LEU A 207 3.93 -6.92 1.10
C LEU A 207 3.29 -7.74 2.21
N SER A 208 1.96 -7.59 2.34
CA SER A 208 1.13 -8.13 3.44
C SER A 208 1.12 -9.65 3.34
N VAL A 209 1.39 -10.19 2.16
CA VAL A 209 1.32 -11.67 1.96
C VAL A 209 2.53 -12.31 2.65
N LEU A 210 3.72 -11.69 2.63
CA LEU A 210 4.85 -12.20 3.46
C LEU A 210 4.45 -12.13 4.94
N ASP A 211 3.96 -10.98 5.41
CA ASP A 211 3.77 -10.68 6.85
C ASP A 211 2.80 -11.71 7.48
N ILE A 212 1.66 -11.93 6.84
CA ILE A 212 0.53 -12.75 7.35
C ILE A 212 0.73 -14.25 7.05
N TYR A 213 1.02 -14.63 5.81
CA TYR A 213 1.07 -16.05 5.35
C TYR A 213 2.39 -16.70 5.73
N CYS A 214 3.52 -15.98 5.68
CA CYS A 214 4.81 -16.53 6.19
C CYS A 214 4.66 -16.78 7.69
N ALA A 215 4.05 -15.85 8.45
CA ALA A 215 3.90 -15.96 9.92
C ALA A 215 3.08 -17.22 10.23
N LEU A 216 1.87 -17.35 9.65
CA LEU A 216 0.94 -18.49 9.85
C LEU A 216 1.56 -19.79 9.30
N ASN A 217 2.56 -19.69 8.46
CA ASN A 217 3.18 -20.89 7.87
C ASN A 217 4.14 -21.51 8.89
N VAL A 218 4.72 -20.74 9.79
CA VAL A 218 5.84 -21.24 10.63
C VAL A 218 5.43 -21.21 12.11
N GLY A 219 4.13 -21.02 12.44
CA GLY A 219 3.63 -20.88 13.83
C GLY A 219 4.18 -19.65 14.55
N ALA A 220 4.34 -18.54 13.84
CA ALA A 220 4.84 -17.28 14.40
C ALA A 220 3.65 -16.34 14.53
N THR A 221 3.93 -15.09 14.91
CA THR A 221 2.91 -14.06 15.23
C THR A 221 3.01 -12.95 14.19
N VAL A 222 1.86 -12.53 13.66
CA VAL A 222 1.78 -11.32 12.80
C VAL A 222 1.02 -10.23 13.59
N CYS A 223 1.65 -9.07 13.65
CA CYS A 223 1.16 -7.84 14.31
C CYS A 223 0.78 -6.82 13.23
N LEU A 224 -0.52 -6.62 13.03
CA LEU A 224 -1.13 -5.60 12.14
C LEU A 224 -0.82 -4.19 12.65
N VAL A 225 0.14 -3.50 12.00
CA VAL A 225 0.45 -2.07 12.30
C VAL A 225 -0.80 -1.27 11.95
N PRO A 226 -1.43 -0.55 12.89
CA PRO A 226 -2.71 0.10 12.58
C PRO A 226 -2.55 1.42 11.80
N GLU A 227 -3.57 1.74 11.02
CA GLU A 227 -3.63 2.92 10.12
C GLU A 227 -3.36 4.18 10.92
N SER A 228 -3.92 4.26 12.12
CA SER A 228 -3.84 5.44 13.02
C SER A 228 -2.39 5.92 13.20
N ILE A 229 -1.37 5.05 13.11
CA ILE A 229 0.02 5.50 13.41
C ILE A 229 0.87 5.61 12.14
N ALA A 230 0.26 5.62 10.96
CA ALA A 230 0.93 5.68 9.64
C ALA A 230 1.91 6.86 9.55
N PHE A 231 1.51 8.08 9.93
CA PHE A 231 2.32 9.31 9.77
C PHE A 231 3.19 9.60 11.01
N SER A 232 3.41 8.62 11.88
CA SER A 232 4.09 8.89 13.18
C SER A 232 5.31 8.00 13.30
N PRO A 233 6.46 8.41 12.73
CA PRO A 233 7.66 7.57 12.78
C PRO A 233 8.02 7.03 14.20
N ARG A 234 7.67 7.72 15.27
CA ARG A 234 8.07 7.32 16.65
C ARG A 234 7.09 6.25 17.16
N LEU A 235 5.78 6.43 16.95
CA LEU A 235 4.81 5.35 17.20
C LEU A 235 5.20 4.10 16.40
N LEU A 236 5.74 4.21 15.18
CA LEU A 236 6.11 3.02 14.37
C LEU A 236 7.27 2.30 15.05
N THR A 237 8.30 3.00 15.56
CA THR A 237 9.44 2.36 16.27
C THR A 237 8.97 1.84 17.65
N ASP A 238 7.95 2.47 18.24
CA ASP A 238 7.33 2.03 19.52
C ASP A 238 6.66 0.69 19.29
N PHE A 239 5.99 0.52 18.14
CA PHE A 239 5.30 -0.73 17.73
C PHE A 239 6.34 -1.84 17.67
N ILE A 240 7.49 -1.53 17.11
CA ILE A 240 8.57 -2.54 17.02
C ILE A 240 8.95 -2.98 18.43
N ARG A 241 9.14 -2.02 19.35
CA ARG A 241 9.60 -2.30 20.74
C ARG A 241 8.52 -3.11 21.47
N GLN A 242 7.31 -2.55 21.54
CA GLN A 242 6.19 -3.12 22.31
C GLN A 242 5.86 -4.54 21.85
N HIS A 243 5.94 -4.84 20.55
CA HIS A 243 5.55 -6.16 20.02
C HIS A 243 6.83 -6.97 19.77
N GLU A 244 7.98 -6.49 20.24
CA GLU A 244 9.26 -7.27 20.13
C GLU A 244 9.37 -7.86 18.73
N ILE A 245 9.28 -7.02 17.69
CA ILE A 245 9.24 -7.36 16.24
C ILE A 245 10.62 -7.88 15.82
N SER A 246 10.66 -9.04 15.18
CA SER A 246 11.91 -9.66 14.66
C SER A 246 12.01 -9.44 13.15
N ILE A 247 10.86 -9.28 12.49
CA ILE A 247 10.75 -9.25 11.01
C ILE A 247 9.91 -8.07 10.55
N TRP A 248 10.57 -7.12 9.91
CA TRP A 248 10.02 -5.85 9.37
C TRP A 248 10.12 -5.86 7.84
N TYR A 249 9.02 -5.53 7.14
CA TYR A 249 8.89 -5.50 5.66
C TYR A 249 8.01 -4.31 5.22
N SER A 250 8.68 -3.30 4.64
CA SER A 250 8.08 -2.02 4.15
C SER A 250 8.86 -1.44 2.95
N VAL A 251 8.26 -0.43 2.32
CA VAL A 251 8.96 0.46 1.37
C VAL A 251 10.04 1.24 2.13
N PRO A 252 11.20 1.54 1.51
CA PRO A 252 12.24 2.33 2.18
C PRO A 252 11.82 3.70 2.74
N SER A 253 10.80 4.31 2.14
CA SER A 253 10.26 5.63 2.56
C SER A 253 9.92 5.59 4.05
N VAL A 254 9.27 4.51 4.50
CA VAL A 254 8.87 4.29 5.93
C VAL A 254 10.13 4.15 6.81
N LEU A 255 11.10 3.32 6.42
CA LEU A 255 12.34 3.11 7.22
C LEU A 255 13.07 4.44 7.35
N MET A 256 12.98 5.27 6.32
CA MET A 256 13.70 6.56 6.28
C MET A 256 12.96 7.56 7.18
N MET A 257 11.63 7.60 7.14
CA MET A 257 10.86 8.42 8.12
C MET A 257 11.33 8.01 9.53
N MET A 258 11.29 6.71 9.82
CA MET A 258 11.69 6.11 11.14
C MET A 258 13.15 6.47 11.47
N MET A 259 14.05 6.55 10.50
CA MET A 259 15.45 6.93 10.76
C MET A 259 15.54 8.45 11.05
N GLN A 260 14.81 9.31 10.34
CA GLN A 260 14.89 10.80 10.49
C GLN A 260 14.14 11.27 11.74
N ASP A 261 12.92 10.77 11.98
CA ASP A 261 11.99 11.38 12.96
C ASP A 261 11.46 10.34 13.96
N GLY A 262 12.12 9.19 14.15
CA GLY A 262 11.64 8.08 15.01
C GLY A 262 12.75 7.30 15.68
N ASP A 263 13.99 7.81 15.66
CA ASP A 263 15.10 7.35 16.55
C ASP A 263 15.47 5.91 16.27
N LEU A 264 15.26 5.39 15.06
CA LEU A 264 15.56 3.97 14.72
C LEU A 264 17.07 3.76 14.81
N LEU A 265 17.87 4.81 14.66
CA LEU A 265 19.35 4.67 14.63
C LEU A 265 19.94 5.02 16.00
N SER A 266 19.26 5.86 16.80
CA SER A 266 19.69 6.27 18.17
C SER A 266 19.22 5.22 19.20
N ASP A 267 17.98 4.73 19.06
CA ASP A 267 17.34 3.77 20.01
C ASP A 267 17.21 2.41 19.32
N ILE A 268 18.33 1.69 19.24
CA ILE A 268 18.45 0.38 18.53
C ILE A 268 17.35 -0.56 19.01
N GLN A 269 16.60 -1.15 18.08
CA GLN A 269 15.57 -2.19 18.33
C GLN A 269 16.22 -3.57 18.25
N ASP A 270 16.65 -4.08 19.41
CA ASP A 270 17.38 -5.37 19.58
C ASP A 270 16.58 -6.55 19.03
N THR A 271 15.25 -6.50 18.97
CA THR A 271 14.40 -7.64 18.51
C THR A 271 14.49 -7.84 16.99
N LEU A 272 14.75 -6.80 16.20
CA LEU A 272 14.82 -6.93 14.71
C LEU A 272 15.94 -7.92 14.34
N ARG A 273 15.60 -8.95 13.59
CA ARG A 273 16.53 -9.93 12.97
C ARG A 273 16.56 -9.75 11.44
N VAL A 274 15.39 -9.56 10.81
CA VAL A 274 15.26 -9.43 9.34
C VAL A 274 14.56 -8.12 8.94
N LEU A 275 15.26 -7.30 8.16
CA LEU A 275 14.78 -6.01 7.60
C LEU A 275 14.69 -6.12 6.08
N LEU A 276 13.46 -6.27 5.59
CA LEU A 276 13.12 -6.44 4.16
C LEU A 276 12.50 -5.13 3.65
N PHE A 277 12.99 -4.61 2.54
CA PHE A 277 12.42 -3.41 1.89
C PHE A 277 12.25 -3.66 0.39
N ALA A 278 11.24 -3.02 -0.17
CA ALA A 278 10.74 -3.28 -1.54
C ALA A 278 9.96 -2.06 -2.04
N GLY A 279 9.66 -2.01 -3.35
CA GLY A 279 8.62 -1.16 -3.96
C GLY A 279 9.18 0.10 -4.62
N GLU A 280 10.43 0.46 -4.32
CA GLU A 280 11.10 1.69 -4.82
C GLU A 280 12.55 1.69 -4.37
N PRO A 281 13.45 2.47 -4.99
CA PRO A 281 14.85 2.46 -4.57
C PRO A 281 15.01 3.05 -3.17
N PHE A 282 16.14 2.70 -2.55
CA PHE A 282 16.58 3.09 -1.20
C PHE A 282 17.88 3.88 -1.40
N PRO A 283 17.77 5.21 -1.35
CA PRO A 283 18.94 6.09 -1.39
C PRO A 283 20.13 5.47 -0.65
N VAL A 284 21.19 5.08 -1.35
CA VAL A 284 22.25 4.24 -0.73
C VAL A 284 22.88 4.96 0.48
N LYS A 285 22.93 6.29 0.52
CA LYS A 285 23.50 7.07 1.66
C LYS A 285 22.73 6.70 2.95
N HIS A 286 21.39 6.74 2.93
CA HIS A 286 20.51 6.28 4.05
C HIS A 286 20.64 4.77 4.29
N LEU A 287 20.58 3.91 3.27
CA LEU A 287 20.67 2.45 3.51
C LEU A 287 22.01 2.11 4.16
N ARG A 288 23.05 2.91 3.94
CA ARG A 288 24.41 2.66 4.50
C ARG A 288 24.34 2.87 6.02
N ASP A 289 23.65 3.92 6.44
CA ASP A 289 23.35 4.26 7.87
C ASP A 289 22.62 3.08 8.56
N LEU A 290 21.47 2.66 8.02
CA LEU A 290 20.67 1.52 8.58
C LEU A 290 21.58 0.30 8.73
N ARG A 291 22.36 0.01 7.70
CA ARG A 291 23.28 -1.17 7.68
C ARG A 291 24.26 -1.08 8.86
N ALA A 292 24.75 0.13 9.15
CA ALA A 292 25.79 0.41 10.16
C ALA A 292 25.20 0.25 11.59
N ALA A 293 24.08 0.94 11.86
CA ALA A 293 23.30 0.85 13.11
C ALA A 293 23.03 -0.63 13.45
N TYR A 294 22.56 -1.41 12.47
CA TYR A 294 22.03 -2.78 12.61
C TYR A 294 22.98 -3.73 11.88
N ALA A 295 24.25 -3.70 12.30
CA ALA A 295 25.34 -4.56 11.77
C ALA A 295 24.92 -6.03 11.75
N ASP A 296 24.15 -6.52 12.74
CA ASP A 296 23.92 -7.97 12.95
C ASP A 296 22.75 -8.46 12.09
N VAL A 297 21.82 -7.57 11.73
CA VAL A 297 20.51 -7.89 11.10
C VAL A 297 20.67 -8.34 9.63
N ARG A 298 19.75 -9.13 9.11
CA ARG A 298 19.66 -9.49 7.67
C ARG A 298 18.85 -8.41 6.91
N LEU A 299 19.46 -7.82 5.88
CA LEU A 299 18.94 -6.75 4.99
C LEU A 299 18.77 -7.28 3.57
N ALA A 300 17.60 -7.14 2.97
CA ALA A 300 17.41 -7.53 1.57
C ALA A 300 16.52 -6.52 0.83
N ASN A 301 16.85 -6.33 -0.45
CA ASN A 301 16.12 -5.49 -1.42
C ASN A 301 15.32 -6.49 -2.25
N LEU A 302 13.99 -6.49 -2.07
CA LEU A 302 13.09 -7.41 -2.80
C LEU A 302 12.42 -6.58 -3.90
N PHE A 303 12.24 -7.17 -5.08
CA PHE A 303 11.78 -6.44 -6.29
C PHE A 303 10.64 -7.20 -6.94
N GLY A 304 9.65 -6.46 -7.41
CA GLY A 304 8.70 -6.95 -8.43
C GLY A 304 7.36 -6.23 -8.30
N PRO A 305 6.55 -6.25 -9.38
CA PRO A 305 5.18 -5.78 -9.31
C PRO A 305 4.27 -6.80 -8.66
N THR A 306 3.05 -6.37 -8.34
CA THR A 306 1.95 -7.21 -7.81
C THR A 306 1.78 -8.45 -8.70
N GLU A 307 1.94 -8.27 -10.01
CA GLU A 307 1.68 -9.31 -11.04
C GLU A 307 2.64 -10.50 -10.90
N THR A 308 3.84 -10.30 -10.33
CA THR A 308 4.83 -11.38 -10.06
C THR A 308 5.11 -11.61 -8.55
N ASN A 309 4.48 -10.85 -7.64
CA ASN A 309 5.03 -10.63 -6.28
C ASN A 309 6.54 -10.45 -6.38
N VAL A 310 7.32 -10.91 -5.41
CA VAL A 310 8.79 -10.75 -5.46
C VAL A 310 9.40 -11.73 -6.48
N CYS A 311 9.95 -11.20 -7.57
CA CYS A 311 10.58 -12.00 -8.68
C CYS A 311 12.11 -11.86 -8.61
N THR A 312 12.65 -10.96 -7.81
CA THR A 312 14.12 -10.74 -7.71
C THR A 312 14.45 -10.27 -6.28
N ALA A 313 15.64 -10.56 -5.77
CA ALA A 313 16.04 -10.15 -4.40
C ALA A 313 17.55 -10.07 -4.29
N PHE A 314 18.06 -9.15 -3.46
CA PHE A 314 19.51 -8.95 -3.22
C PHE A 314 19.75 -8.85 -1.71
N GLU A 315 20.59 -9.75 -1.19
CA GLU A 315 21.09 -9.73 0.21
C GLU A 315 22.08 -8.58 0.31
N VAL A 316 21.76 -7.57 1.13
CA VAL A 316 22.66 -6.42 1.41
C VAL A 316 23.60 -6.79 2.56
N GLY A 317 24.85 -7.11 2.21
CA GLY A 317 25.93 -7.26 3.19
C GLY A 317 26.56 -5.93 3.52
N ALA A 318 27.87 -5.79 3.29
CA ALA A 318 28.61 -4.51 3.44
C ALA A 318 28.41 -3.69 2.17
N ILE A 319 28.32 -2.37 2.28
CA ILE A 319 28.09 -1.44 1.14
C ILE A 319 29.30 -0.52 1.02
N ASP A 320 30.01 -0.63 -0.10
CA ASP A 320 31.13 0.27 -0.47
C ASP A 320 30.74 1.70 -0.05
N PRO A 321 31.51 2.38 0.82
CA PRO A 321 31.26 3.79 1.13
C PRO A 321 31.27 4.75 -0.07
N GLU A 322 31.99 4.42 -1.15
CA GLU A 322 32.12 5.27 -2.36
C GLU A 322 30.90 5.03 -3.27
N ARG A 323 30.07 4.03 -3.00
CA ARG A 323 28.89 3.69 -3.83
C ARG A 323 27.86 4.82 -3.79
N VAL A 324 27.25 5.15 -4.93
CA VAL A 324 26.33 6.31 -5.12
C VAL A 324 24.98 5.81 -5.63
N LEU A 325 24.99 4.72 -6.39
CA LEU A 325 23.76 4.07 -6.93
C LEU A 325 23.09 3.22 -5.86
N PRO A 326 21.75 3.03 -5.94
CA PRO A 326 21.06 2.04 -5.11
C PRO A 326 21.68 0.66 -5.31
N VAL A 327 21.57 -0.22 -4.32
CA VAL A 327 22.13 -1.60 -4.44
C VAL A 327 21.33 -2.32 -5.51
N PRO A 328 21.87 -3.39 -6.13
CA PRO A 328 21.14 -4.19 -7.11
C PRO A 328 19.79 -4.67 -6.60
N ILE A 329 18.88 -5.03 -7.51
CA ILE A 329 17.62 -5.76 -7.18
C ILE A 329 17.92 -7.26 -7.19
N GLY A 330 19.12 -7.64 -7.64
CA GLY A 330 19.76 -8.95 -7.43
C GLY A 330 19.29 -10.00 -8.43
N THR A 331 19.08 -11.23 -7.96
CA THR A 331 18.90 -12.44 -8.81
C THR A 331 17.52 -12.98 -8.53
N ALA A 332 17.07 -13.93 -9.35
CA ALA A 332 15.70 -14.47 -9.38
C ALA A 332 15.30 -15.04 -8.01
N ALA A 333 14.01 -14.98 -7.72
CA ALA A 333 13.44 -15.32 -6.41
C ALA A 333 12.05 -15.92 -6.63
N SER A 334 11.58 -16.62 -5.60
CA SER A 334 10.24 -17.26 -5.52
C SER A 334 10.18 -18.39 -6.54
N GLY A 335 11.35 -18.97 -6.84
CA GLY A 335 11.52 -20.08 -7.81
C GLY A 335 11.17 -19.66 -9.23
N ASN A 336 11.34 -18.39 -9.57
CA ASN A 336 11.07 -17.82 -10.91
C ASN A 336 12.39 -17.85 -11.71
N GLN A 337 12.30 -17.84 -13.03
CA GLN A 337 13.44 -17.47 -13.92
C GLN A 337 13.14 -16.05 -14.41
N VAL A 338 14.20 -15.26 -14.55
CA VAL A 338 14.15 -13.81 -14.86
C VAL A 338 15.25 -13.43 -15.87
N TRP A 339 14.93 -12.60 -16.86
CA TRP A 339 15.91 -12.13 -17.89
C TRP A 339 15.51 -10.72 -18.39
N ALA A 340 16.49 -9.99 -18.89
CA ALA A 340 16.34 -8.70 -19.62
C ALA A 340 16.06 -8.97 -21.11
N GLN A 341 15.08 -8.29 -21.70
CA GLN A 341 14.75 -8.41 -23.14
C GLN A 341 15.05 -7.11 -23.86
N LYS A 342 15.67 -7.20 -25.05
CA LYS A 342 15.69 -6.12 -26.08
C LYS A 342 14.27 -6.06 -26.66
N PRO A 343 13.84 -4.94 -27.27
CA PRO A 343 12.45 -4.83 -27.73
C PRO A 343 12.08 -5.79 -28.86
N ASP A 344 13.07 -6.41 -29.52
CA ASP A 344 12.90 -7.37 -30.63
C ASP A 344 12.51 -8.77 -30.09
N GLY A 345 12.90 -9.11 -28.85
CA GLY A 345 12.61 -10.43 -28.23
C GLY A 345 13.86 -11.06 -27.62
N SER A 346 15.07 -10.75 -28.09
CA SER A 346 16.30 -11.50 -27.69
C SER A 346 16.69 -11.17 -26.25
N ARG A 347 17.35 -12.11 -25.59
CA ARG A 347 17.98 -11.91 -24.27
C ARG A 347 18.98 -10.76 -24.46
N CYS A 348 19.05 -9.81 -23.53
CA CYS A 348 20.18 -8.87 -23.37
C CYS A 348 21.39 -9.65 -22.92
N ALA A 349 22.57 -9.08 -23.01
CA ALA A 349 23.81 -9.68 -22.52
C ALA A 349 24.26 -8.79 -21.40
N VAL A 350 25.12 -9.29 -20.53
CA VAL A 350 25.67 -8.51 -19.38
C VAL A 350 25.97 -7.10 -19.90
N GLY A 351 25.50 -6.06 -19.22
CA GLY A 351 25.75 -4.63 -19.54
C GLY A 351 24.66 -4.00 -20.38
N GLU A 352 23.80 -4.79 -21.06
CA GLU A 352 22.74 -4.29 -21.97
C GLU A 352 21.44 -4.01 -21.19
N GLU A 353 21.05 -2.73 -21.07
CA GLU A 353 19.70 -2.35 -20.55
C GLU A 353 18.65 -3.10 -21.36
N GLY A 354 17.65 -3.68 -20.70
CA GLY A 354 16.45 -4.21 -21.37
C GLY A 354 15.30 -4.25 -20.39
N GLU A 355 14.16 -4.77 -20.82
CA GLU A 355 12.95 -4.92 -20.00
C GLU A 355 13.02 -6.28 -19.27
N LEU A 356 12.78 -6.25 -17.96
CA LEU A 356 12.80 -7.46 -17.10
C LEU A 356 11.60 -8.35 -17.42
N VAL A 357 11.86 -9.65 -17.56
CA VAL A 357 10.86 -10.69 -17.93
C VAL A 357 10.94 -11.81 -16.88
N VAL A 358 9.78 -12.29 -16.48
CA VAL A 358 9.65 -13.26 -15.37
C VAL A 358 8.85 -14.45 -15.88
N GLN A 359 9.45 -15.63 -15.72
CA GLN A 359 8.79 -16.92 -15.98
C GLN A 359 8.90 -17.74 -14.71
N GLY A 360 7.77 -18.17 -14.17
CA GLY A 360 7.78 -18.98 -12.95
C GLY A 360 6.43 -19.06 -12.24
N PRO A 361 6.41 -19.76 -11.08
CA PRO A 361 5.19 -20.04 -10.34
C PRO A 361 4.46 -18.86 -9.65
N THR A 362 5.06 -17.67 -9.53
CA THR A 362 4.42 -16.47 -8.92
C THR A 362 3.68 -15.60 -9.95
N VAL A 363 3.88 -15.84 -11.23
CA VAL A 363 3.31 -15.01 -12.32
C VAL A 363 1.78 -15.14 -12.26
N MET A 364 1.08 -14.04 -12.10
CA MET A 364 -0.38 -14.00 -11.90
C MET A 364 -1.09 -14.93 -12.88
N LEU A 365 -2.26 -15.42 -12.51
CA LEU A 365 -3.18 -16.05 -13.50
C LEU A 365 -3.51 -15.05 -14.59
N GLY A 366 -3.59 -13.75 -14.25
CA GLY A 366 -4.04 -12.69 -15.17
C GLY A 366 -4.92 -11.66 -14.48
N TYR A 367 -5.21 -10.53 -15.13
CA TYR A 367 -6.12 -9.52 -14.56
C TYR A 367 -7.50 -10.16 -14.58
N PHE A 368 -8.26 -10.00 -13.50
CA PHE A 368 -9.54 -10.70 -13.29
C PHE A 368 -10.49 -10.27 -14.42
N ALA A 369 -11.31 -11.18 -14.94
CA ALA A 369 -12.30 -10.88 -16.00
C ALA A 369 -11.60 -10.36 -17.28
N LYS A 370 -10.34 -10.77 -17.48
CA LYS A 370 -9.51 -10.41 -18.66
C LYS A 370 -8.78 -11.66 -19.14
N PRO A 371 -8.18 -11.63 -20.35
CA PRO A 371 -7.57 -12.85 -20.87
C PRO A 371 -6.37 -13.21 -19.97
N ALA A 372 -6.23 -14.49 -19.68
CA ALA A 372 -5.17 -15.11 -18.86
C ALA A 372 -3.79 -14.59 -19.25
N GLN A 373 -2.87 -14.64 -18.31
CA GLN A 373 -1.44 -14.42 -18.61
C GLN A 373 -1.03 -15.69 -19.34
N GLU A 374 -0.42 -15.55 -20.52
CA GLU A 374 0.15 -16.65 -21.31
C GLU A 374 1.65 -16.41 -21.45
N GLY A 375 2.45 -17.32 -20.92
CA GLY A 375 3.90 -17.25 -21.05
C GLY A 375 4.49 -16.22 -20.11
N PRO A 376 5.81 -15.98 -20.27
CA PRO A 376 6.55 -15.07 -19.41
C PRO A 376 5.82 -13.73 -19.35
N TYR A 377 6.07 -12.98 -18.28
CA TYR A 377 5.40 -11.69 -18.00
C TYR A 377 6.45 -10.60 -18.16
N LYS A 378 6.10 -9.57 -18.92
CA LYS A 378 6.96 -8.40 -19.18
C LYS A 378 6.55 -7.33 -18.18
N THR A 379 7.48 -6.88 -17.35
CA THR A 379 7.20 -6.11 -16.12
C THR A 379 7.00 -4.63 -16.43
N GLY A 380 7.58 -4.16 -17.53
CA GLY A 380 7.65 -2.73 -17.88
C GLY A 380 8.82 -2.07 -17.21
N ASP A 381 9.63 -2.85 -16.49
CA ASP A 381 10.76 -2.33 -15.68
C ASP A 381 12.04 -2.50 -16.47
N MET A 382 12.76 -1.42 -16.67
CA MET A 382 14.07 -1.45 -17.36
C MET A 382 15.08 -1.88 -16.31
N VAL A 383 15.98 -2.78 -16.68
CA VAL A 383 17.05 -3.33 -15.79
C VAL A 383 18.30 -3.60 -16.63
N ARG A 384 19.39 -3.99 -15.98
CA ARG A 384 20.69 -4.26 -16.62
C ARG A 384 21.50 -5.17 -15.68
N GLN A 385 21.93 -6.32 -16.19
CA GLN A 385 22.72 -7.32 -15.42
C GLN A 385 24.17 -6.84 -15.30
N ARG A 386 24.77 -6.94 -14.12
CA ARG A 386 26.23 -6.69 -13.96
C ARG A 386 26.91 -8.02 -14.23
N PRO A 387 28.25 -8.07 -14.36
CA PRO A 387 28.97 -9.34 -14.50
C PRO A 387 28.59 -10.42 -13.47
N ASP A 388 28.52 -10.08 -12.18
CA ASP A 388 28.30 -11.02 -11.05
C ASP A 388 26.92 -11.69 -11.14
N GLY A 389 26.01 -11.21 -12.00
CA GLY A 389 24.72 -11.86 -12.32
C GLY A 389 23.54 -11.10 -11.74
N ASN A 390 23.81 -10.10 -10.90
CA ASN A 390 22.75 -9.25 -10.29
C ASN A 390 22.22 -8.25 -11.30
N TYR A 391 20.91 -8.06 -11.29
CA TYR A 391 20.23 -6.95 -12.02
C TYR A 391 20.22 -5.68 -11.18
N GLU A 392 20.37 -4.53 -11.87
CA GLU A 392 20.08 -3.17 -11.33
C GLU A 392 18.80 -2.64 -12.01
N TYR A 393 17.93 -1.99 -11.26
CA TYR A 393 16.70 -1.33 -11.77
C TYR A 393 17.09 0.03 -12.33
N LEU A 394 16.66 0.34 -13.55
CA LEU A 394 17.00 1.64 -14.18
C LEU A 394 15.77 2.54 -14.22
N GLY A 395 14.57 2.00 -14.47
CA GLY A 395 13.30 2.73 -14.34
C GLY A 395 12.19 2.13 -15.18
N ARG A 396 11.18 2.92 -15.52
CA ARG A 396 10.02 2.50 -16.38
C ARG A 396 9.92 3.40 -17.60
N ARG A 397 9.21 2.95 -18.64
CA ARG A 397 9.02 3.73 -19.89
C ARG A 397 7.52 4.01 -20.10
N ASP A 398 6.70 3.92 -19.08
CA ASP A 398 5.23 3.88 -19.28
C ASP A 398 4.57 4.91 -18.36
N ASP A 399 3.29 4.78 -18.07
CA ASP A 399 2.55 5.82 -17.32
C ASP A 399 2.28 5.35 -15.88
N MET A 400 3.02 4.34 -15.40
CA MET A 400 2.98 3.87 -13.98
C MET A 400 4.00 4.69 -13.17
N LEU A 401 3.50 5.62 -12.35
CA LEU A 401 4.31 6.47 -11.43
C LEU A 401 4.54 5.72 -10.11
N LYS A 402 5.65 6.00 -9.45
CA LYS A 402 5.88 5.56 -8.06
C LYS A 402 6.17 6.81 -7.22
N VAL A 403 5.33 7.04 -6.21
CA VAL A 403 5.54 8.07 -5.17
C VAL A 403 5.66 7.35 -3.82
N ARG A 404 6.87 7.27 -3.30
CA ARG A 404 7.17 6.69 -1.95
C ARG A 404 6.53 5.30 -1.89
N GLY A 405 6.80 4.52 -2.93
CA GLY A 405 6.43 3.10 -3.03
C GLY A 405 5.02 2.92 -3.57
N ASN A 406 4.17 3.95 -3.59
CA ASN A 406 2.80 3.79 -4.16
C ASN A 406 2.83 3.78 -5.70
N ARG A 407 1.96 2.96 -6.26
CA ARG A 407 1.85 2.70 -7.71
C ARG A 407 0.62 3.49 -8.19
N ILE A 408 0.86 4.46 -9.08
CA ILE A 408 -0.15 5.44 -9.58
C ILE A 408 -0.07 5.49 -11.11
N GLU A 409 -1.13 5.07 -11.78
CA GLU A 409 -1.32 5.27 -13.23
C GLU A 409 -1.69 6.75 -13.47
N ARG A 410 -0.91 7.48 -14.27
CA ARG A 410 -1.23 8.87 -14.71
C ARG A 410 -2.73 8.94 -15.02
N GLY A 411 -3.23 7.99 -15.77
CA GLY A 411 -4.59 8.03 -16.35
C GLY A 411 -5.67 7.99 -15.30
N GLU A 412 -5.42 7.29 -14.19
CA GLU A 412 -6.41 7.13 -13.10
C GLU A 412 -6.64 8.49 -12.45
N VAL A 413 -5.55 9.19 -12.14
CA VAL A 413 -5.64 10.55 -11.57
C VAL A 413 -6.24 11.48 -12.63
N GLU A 414 -5.80 11.37 -13.89
CA GLU A 414 -6.27 12.24 -14.98
C GLU A 414 -7.78 12.07 -15.13
N ALA A 415 -8.29 10.84 -15.13
CA ALA A 415 -9.73 10.56 -15.32
C ALA A 415 -10.51 11.24 -14.19
N ALA A 416 -9.95 11.28 -12.98
CA ALA A 416 -10.60 11.90 -11.80
C ALA A 416 -10.69 13.42 -12.01
N LEU A 417 -9.54 14.04 -12.27
CA LEU A 417 -9.42 15.49 -12.57
C LEU A 417 -10.37 15.87 -13.73
N LEU A 418 -10.44 15.08 -14.81
CA LEU A 418 -11.28 15.37 -16.02
C LEU A 418 -12.75 15.43 -15.65
N ALA A 419 -13.18 14.70 -14.62
CA ALA A 419 -14.60 14.55 -14.25
C ALA A 419 -15.04 15.84 -13.53
N HIS A 420 -14.08 16.69 -13.14
CA HIS A 420 -14.37 18.03 -12.55
C HIS A 420 -15.09 18.91 -13.59
N PRO A 421 -16.25 19.52 -13.23
CA PRO A 421 -17.07 20.20 -14.23
C PRO A 421 -16.30 21.30 -14.96
N GLN A 422 -15.37 21.97 -14.27
CA GLN A 422 -14.57 23.12 -14.77
C GLN A 422 -13.15 22.65 -15.17
N VAL A 423 -12.98 21.43 -15.69
CA VAL A 423 -11.68 20.91 -16.20
C VAL A 423 -11.93 20.22 -17.54
N SER A 424 -11.27 20.66 -18.62
CA SER A 424 -11.49 20.16 -20.01
C SER A 424 -10.34 19.26 -20.46
N GLU A 425 -9.12 19.54 -19.96
CA GLU A 425 -7.90 18.76 -20.24
C GLU A 425 -7.19 18.53 -18.93
N ALA A 426 -6.58 17.36 -18.74
CA ALA A 426 -5.75 17.10 -17.54
C ALA A 426 -4.54 16.26 -17.92
N ALA A 427 -3.44 16.49 -17.23
CA ALA A 427 -2.21 15.69 -17.38
C ALA A 427 -1.50 15.62 -16.02
N VAL A 428 -1.09 14.42 -15.61
CA VAL A 428 -0.49 14.23 -14.27
C VAL A 428 0.96 13.82 -14.46
N LEU A 429 1.84 14.19 -13.53
CA LEU A 429 3.27 13.81 -13.55
C LEU A 429 3.85 13.98 -12.14
N VAL A 430 5.10 13.54 -11.95
CA VAL A 430 5.77 13.64 -10.64
C VAL A 430 6.98 14.57 -10.79
N VAL A 431 7.06 15.58 -9.93
CA VAL A 431 8.25 16.46 -9.80
C VAL A 431 8.98 15.99 -8.55
N GLY A 432 10.29 15.86 -8.64
CA GLY A 432 11.13 15.43 -7.50
C GLY A 432 11.32 13.93 -7.51
N GLU A 433 12.38 13.50 -6.82
CA GLU A 433 12.70 12.09 -6.50
C GLU A 433 12.43 11.79 -5.02
N GLY A 434 12.05 10.54 -4.74
CA GLY A 434 12.00 9.93 -3.41
C GLY A 434 11.12 10.69 -2.44
N MET A 435 11.74 11.10 -1.33
CA MET A 435 11.04 11.70 -0.17
C MET A 435 10.52 13.06 -0.60
N ASN A 436 11.19 13.68 -1.59
CA ASN A 436 10.90 15.03 -2.15
C ASN A 436 9.79 15.00 -3.20
N ALA A 437 9.48 13.83 -3.76
CA ALA A 437 8.63 13.68 -4.96
C ALA A 437 7.21 14.23 -4.69
N GLN A 438 6.64 14.94 -5.66
CA GLN A 438 5.29 15.53 -5.53
C GLN A 438 4.48 15.22 -6.79
N LEU A 439 3.20 14.94 -6.61
CA LEU A 439 2.28 14.61 -7.71
C LEU A 439 1.60 15.91 -8.17
N TRP A 440 1.78 16.25 -9.45
CA TRP A 440 1.33 17.52 -10.07
C TRP A 440 0.14 17.23 -10.96
N GLY A 441 -0.86 18.11 -10.93
CA GLY A 441 -1.93 18.23 -11.93
C GLY A 441 -1.72 19.49 -12.76
N VAL A 442 -1.53 19.33 -14.07
CA VAL A 442 -1.54 20.43 -15.09
C VAL A 442 -2.88 20.39 -15.83
N LEU A 443 -3.71 21.42 -15.61
CA LEU A 443 -5.13 21.44 -16.05
C LEU A 443 -5.35 22.60 -17.01
N VAL A 444 -6.31 22.46 -17.93
CA VAL A 444 -6.97 23.64 -18.54
C VAL A 444 -8.43 23.61 -18.07
N ALA A 445 -8.81 24.75 -17.48
CA ALA A 445 -10.16 25.08 -16.99
C ALA A 445 -11.07 25.40 -18.17
N HIS A 446 -12.37 25.11 -18.04
CA HIS A 446 -13.40 25.59 -18.99
C HIS A 446 -13.39 27.12 -18.96
N THR A 447 -13.75 27.73 -17.83
CA THR A 447 -13.87 29.21 -17.68
C THR A 447 -12.94 29.66 -16.53
N ARG A 448 -11.64 29.38 -16.65
CA ARG A 448 -10.61 29.67 -15.61
C ARG A 448 -11.27 29.74 -14.23
N LEU A 451 -10.50 27.05 -10.75
CA LEU A 451 -9.77 25.85 -10.26
C LEU A 451 -8.86 26.25 -9.08
N SER A 452 -9.36 26.10 -7.85
CA SER A 452 -8.62 26.21 -6.56
C SER A 452 -8.10 24.83 -6.12
N LEU A 453 -6.83 24.76 -5.70
CA LEU A 453 -6.15 23.52 -5.27
C LEU A 453 -7.02 22.79 -4.25
N ILE A 454 -7.54 23.50 -3.24
CA ILE A 454 -8.36 22.93 -2.13
C ILE A 454 -9.60 22.29 -2.77
N ASP A 455 -10.27 22.98 -3.69
CA ASP A 455 -11.49 22.45 -4.38
C ASP A 455 -11.13 21.12 -5.05
N LEU A 456 -9.96 21.08 -5.67
CA LEU A 456 -9.51 19.96 -6.54
C LEU A 456 -9.15 18.75 -5.66
N LYS A 457 -8.44 19.01 -4.56
CA LYS A 457 -8.12 18.02 -3.50
C LYS A 457 -9.44 17.43 -3.00
N ARG A 458 -10.42 18.27 -2.64
CA ARG A 458 -11.78 17.80 -2.22
C ARG A 458 -12.29 16.83 -3.31
N HIS A 459 -12.19 17.24 -4.57
CA HIS A 459 -12.71 16.50 -5.76
C HIS A 459 -12.02 15.15 -5.95
N CYS A 460 -10.68 15.16 -5.88
CA CYS A 460 -9.81 13.95 -5.93
C CYS A 460 -10.20 12.99 -4.80
N ALA A 461 -10.29 13.48 -3.56
CA ALA A 461 -10.46 12.65 -2.35
C ALA A 461 -11.78 11.87 -2.42
N GLN A 462 -12.77 12.33 -3.20
CA GLN A 462 -14.06 11.62 -3.35
C GLN A 462 -13.94 10.44 -4.31
N ARG A 463 -12.84 10.33 -5.08
CA ARG A 463 -12.66 9.30 -6.14
C ARG A 463 -11.42 8.46 -5.94
N LEU A 464 -10.38 8.99 -5.31
CA LEU A 464 -9.04 8.34 -5.28
C LEU A 464 -8.58 8.10 -3.84
N PRO A 465 -7.68 7.12 -3.62
CA PRO A 465 -6.96 7.01 -2.35
C PRO A 465 -6.18 8.30 -2.10
N ARG A 466 -5.99 8.68 -0.85
CA ARG A 466 -5.33 9.97 -0.55
C ARG A 466 -3.94 9.97 -1.19
N TYR A 467 -3.31 8.82 -1.43
CA TYR A 467 -1.91 8.83 -1.91
C TYR A 467 -1.86 9.24 -3.40
N MET A 468 -3.03 9.31 -4.07
CA MET A 468 -3.19 9.73 -5.49
C MET A 468 -3.85 11.11 -5.61
N ILE A 469 -4.05 11.82 -4.49
CA ILE A 469 -4.54 13.22 -4.48
C ILE A 469 -3.33 14.11 -4.81
N ILE A 470 -3.47 15.02 -5.78
CA ILE A 470 -2.35 15.82 -6.34
C ILE A 470 -1.88 16.81 -5.26
N ASP A 471 -0.56 16.98 -5.12
CA ASP A 471 0.07 17.94 -4.19
C ASP A 471 -0.08 19.37 -4.71
N LYS A 472 0.35 19.64 -5.95
CA LYS A 472 0.39 20.99 -6.59
C LYS A 472 -0.47 21.00 -7.87
N VAL A 473 -1.05 22.14 -8.23
CA VAL A 473 -1.78 22.34 -9.53
C VAL A 473 -1.06 23.42 -10.32
N LEU A 474 -1.08 23.30 -11.65
CA LEU A 474 -0.60 24.33 -12.61
C LEU A 474 -1.65 24.47 -13.70
N CYS A 475 -2.25 25.66 -13.83
CA CYS A 475 -3.30 25.94 -14.84
C CYS A 475 -2.61 26.51 -16.09
N LEU A 476 -2.92 25.96 -17.26
CA LEU A 476 -2.42 26.40 -18.59
C LEU A 476 -3.62 26.72 -19.48
N ASP A 477 -3.39 27.49 -20.56
CA ASP A 477 -4.44 27.88 -21.53
C ASP A 477 -4.69 26.71 -22.47
N ALA A 478 -3.66 25.89 -22.71
CA ALA A 478 -3.78 24.58 -23.37
C ALA A 478 -2.56 23.74 -23.03
N LEU A 479 -2.69 22.42 -23.22
CA LEU A 479 -1.60 21.44 -22.95
C LEU A 479 -0.74 21.30 -24.20
N PRO A 480 0.62 21.34 -24.10
CA PRO A 480 1.46 21.04 -25.24
C PRO A 480 1.01 19.75 -25.94
N ARG A 481 0.92 19.77 -27.26
CA ARG A 481 0.70 18.54 -28.07
C ARG A 481 1.89 18.23 -28.97
N ASN A 482 1.91 16.96 -29.33
CA ASN A 482 2.81 16.31 -30.29
C ASN A 482 2.10 16.41 -31.64
N ALA A 483 2.87 16.39 -32.74
CA ALA A 483 2.30 16.35 -34.10
C ALA A 483 1.06 15.45 -34.10
N ASN A 484 1.07 14.28 -33.42
CA ASN A 484 0.01 13.24 -33.57
C ASN A 484 -1.27 13.60 -32.82
N GLY A 485 -1.30 14.71 -32.09
CA GLY A 485 -2.49 15.10 -31.30
C GLY A 485 -2.40 14.68 -29.84
N LYS A 486 -1.54 13.70 -29.50
CA LYS A 486 -1.38 13.19 -28.12
C LYS A 486 -0.65 14.26 -27.32
N VAL A 487 -0.92 14.37 -26.02
CA VAL A 487 -0.28 15.33 -25.08
C VAL A 487 1.23 15.09 -25.07
N ASP A 488 2.02 16.16 -25.11
CA ASP A 488 3.50 16.09 -25.12
C ASP A 488 3.91 16.07 -23.66
N ARG A 489 3.98 14.88 -23.09
CA ARG A 489 4.32 14.67 -21.67
C ARG A 489 5.77 15.12 -21.43
N PHE A 490 6.67 14.95 -22.39
CA PHE A 490 8.06 15.44 -22.26
C PHE A 490 8.06 16.97 -22.21
N ALA A 491 7.28 17.62 -23.08
CA ALA A 491 7.20 19.09 -23.10
C ALA A 491 6.61 19.57 -21.77
N LEU A 492 5.46 18.99 -21.41
CA LEU A 492 4.72 19.25 -20.15
C LEU A 492 5.66 19.16 -18.95
N ALA A 493 6.51 18.14 -18.91
CA ALA A 493 7.46 17.96 -17.78
C ALA A 493 8.44 19.13 -17.77
N ARG A 494 9.02 19.44 -18.93
CA ARG A 494 10.03 20.53 -19.10
C ARG A 494 9.43 21.87 -18.68
N GLN A 495 8.17 22.13 -19.04
CA GLN A 495 7.44 23.40 -18.73
C GLN A 495 7.11 23.52 -17.23
N VAL A 496 6.76 22.42 -16.56
CA VAL A 496 6.50 22.42 -15.09
C VAL A 496 7.85 22.57 -14.35
N GLU A 497 8.89 21.84 -14.77
CA GLU A 497 10.27 21.96 -14.23
C GLU A 497 10.76 23.40 -14.42
N GLY A 498 10.48 23.99 -15.60
CA GLY A 498 10.89 25.35 -16.01
C GLY A 498 10.22 26.45 -15.19
N LYS A 499 8.90 26.37 -14.98
CA LYS A 499 8.13 27.36 -14.15
C LYS A 499 8.69 27.35 -12.72
N LEU A 500 8.98 26.16 -12.16
CA LEU A 500 9.56 26.02 -10.79
C LEU A 500 10.96 26.64 -10.74
N ALA A 501 11.79 26.39 -11.76
CA ALA A 501 13.19 26.88 -11.83
C ALA A 501 13.19 28.41 -11.84
N ALA A 502 12.17 29.02 -12.48
CA ALA A 502 11.95 30.49 -12.59
C ALA A 502 11.55 31.08 -11.22
N ALA A 503 10.88 30.29 -10.37
CA ALA A 503 10.47 30.67 -9.00
C ALA A 503 11.65 30.58 -8.01
N LEU A 504 12.59 29.64 -8.20
CA LEU A 504 13.86 29.56 -7.40
C LEU A 504 14.84 30.67 -7.83
N GLU A 505 14.69 31.22 -9.05
CA GLU A 505 15.47 32.40 -9.55
C GLU A 505 14.75 33.70 -9.15
N HIS A 506 13.41 33.72 -9.10
CA HIS A 506 12.56 34.89 -8.68
C HIS A 506 11.83 34.57 -7.36
N GLY B 3 -5.28 31.82 20.84
CA GLY B 3 -6.34 30.90 20.37
C GLY B 3 -6.69 31.12 18.91
N GLU B 4 -7.39 32.23 18.62
CA GLU B 4 -7.76 32.68 17.25
C GLU B 4 -6.52 33.26 16.56
N GLU B 5 -5.51 33.70 17.33
CA GLU B 5 -4.17 34.15 16.84
C GLU B 5 -3.29 32.93 16.56
N VAL B 6 -3.26 31.95 17.49
CA VAL B 6 -2.53 30.65 17.32
C VAL B 6 -3.03 30.00 16.03
N LYS B 7 -4.36 30.02 15.83
CA LYS B 7 -5.08 29.36 14.71
C LYS B 7 -4.74 30.01 13.37
N GLU B 8 -4.41 31.30 13.37
CA GLU B 8 -4.23 32.08 12.11
C GLU B 8 -2.76 32.06 11.68
N LYS B 9 -1.81 31.98 12.63
CA LYS B 9 -0.36 31.82 12.33
C LYS B 9 -0.15 30.49 11.61
N ILE B 10 -0.93 29.45 11.99
CA ILE B 10 -0.97 28.09 11.36
C ILE B 10 -1.61 28.22 9.97
N ARG B 11 -2.88 28.64 9.91
CA ARG B 11 -3.66 28.75 8.65
C ARG B 11 -2.85 29.50 7.59
N ARG B 12 -2.08 30.52 8.00
CA ARG B 12 -1.19 31.31 7.12
C ARG B 12 -0.12 30.37 6.55
N TYR B 13 0.51 29.54 7.40
CA TYR B 13 1.67 28.68 7.08
C TYR B 13 1.27 27.56 6.11
N ILE B 14 0.25 26.77 6.50
CA ILE B 14 -0.41 25.73 5.65
C ILE B 14 -0.60 26.32 4.24
N MET B 15 -1.30 27.45 4.15
CA MET B 15 -1.72 28.11 2.89
C MET B 15 -0.50 28.63 2.11
N GLU B 16 0.48 29.23 2.79
CA GLU B 16 1.66 29.84 2.15
C GLU B 16 2.70 28.76 1.87
N ASP B 17 3.33 28.23 2.92
CA ASP B 17 4.64 27.53 2.85
C ASP B 17 4.50 26.01 2.58
N LEU B 18 3.27 25.47 2.47
CA LEU B 18 3.04 24.01 2.26
C LEU B 18 2.27 23.79 0.94
N ILE B 19 1.04 24.30 0.85
CA ILE B 19 0.29 24.37 -0.44
C ILE B 19 1.16 25.11 -1.46
N ASP B 26 -6.41 30.87 -1.58
CA ASP B 26 -7.89 30.69 -1.44
C ASP B 26 -8.28 30.90 0.03
N GLU B 27 -9.40 30.29 0.45
CA GLU B 27 -9.82 30.18 1.87
C GLU B 27 -9.65 28.73 2.31
N LEU B 28 -9.14 28.53 3.54
CA LEU B 28 -9.02 27.23 4.22
C LEU B 28 -9.80 27.33 5.54
N ASP B 29 -10.94 26.64 5.64
CA ASP B 29 -11.88 26.72 6.78
C ASP B 29 -11.29 25.99 8.01
N ASP B 30 -11.83 26.29 9.20
CA ASP B 30 -11.44 25.70 10.51
C ASP B 30 -11.58 24.17 10.47
N GLN B 31 -12.61 23.67 9.77
CA GLN B 31 -13.07 22.25 9.80
C GLN B 31 -12.61 21.47 8.55
N THR B 32 -12.04 22.15 7.55
CA THR B 32 -11.48 21.54 6.30
C THR B 32 -10.56 20.37 6.65
N PRO B 33 -10.95 19.13 6.29
CA PRO B 33 -10.25 17.93 6.78
C PRO B 33 -8.88 17.79 6.09
N LEU B 34 -7.81 18.10 6.83
CA LEU B 34 -6.43 18.31 6.30
C LEU B 34 -5.80 16.99 5.86
N LEU B 35 -6.20 15.87 6.46
CA LEU B 35 -5.62 14.54 6.18
C LEU B 35 -6.48 13.83 5.13
N GLU B 36 -7.80 13.85 5.29
CA GLU B 36 -8.74 13.25 4.31
C GLU B 36 -8.42 13.73 2.88
N TRP B 37 -8.12 15.01 2.69
CA TRP B 37 -7.86 15.65 1.37
C TRP B 37 -6.36 15.82 1.12
N GLY B 38 -5.52 15.11 1.86
CA GLY B 38 -4.07 15.10 1.60
C GLY B 38 -3.48 16.49 1.45
N ILE B 39 -3.99 17.48 2.19
CA ILE B 39 -3.33 18.80 2.44
C ILE B 39 -2.17 18.58 3.42
N LEU B 40 -2.43 17.88 4.53
CA LEU B 40 -1.36 17.35 5.42
C LEU B 40 -1.13 15.86 5.11
N ASN B 41 0.13 15.42 5.23
CA ASN B 41 0.56 14.07 4.80
C ASN B 41 1.88 13.70 5.48
N SER B 42 2.42 12.53 5.17
CA SER B 42 3.60 11.94 5.83
C SER B 42 4.78 12.91 5.73
N MET B 43 4.89 13.66 4.64
CA MET B 43 6.08 14.50 4.34
C MET B 43 5.90 15.94 4.89
N ASN B 44 4.70 16.52 4.90
CA ASN B 44 4.54 17.97 5.28
C ASN B 44 4.22 18.13 6.78
N ILE B 45 3.67 17.12 7.45
CA ILE B 45 3.22 17.22 8.88
C ILE B 45 4.41 17.51 9.79
N VAL B 46 5.58 16.93 9.52
CA VAL B 46 6.79 17.13 10.37
C VAL B 46 7.32 18.55 10.16
N LYS B 47 7.16 19.13 8.96
CA LYS B 47 7.51 20.56 8.67
C LYS B 47 6.67 21.48 9.58
N LEU B 48 5.34 21.36 9.53
CA LEU B 48 4.34 22.14 10.33
C LEU B 48 4.67 22.04 11.82
N MET B 49 5.30 20.95 12.27
CA MET B 49 5.73 20.78 13.67
C MET B 49 7.06 21.50 13.91
N VAL B 50 8.01 21.43 12.96
CA VAL B 50 9.28 22.22 13.00
C VAL B 50 8.91 23.65 13.42
N TYR B 51 7.89 24.19 12.73
CA TYR B 51 7.39 25.59 12.81
C TYR B 51 6.67 25.84 14.14
N ILE B 52 5.66 25.02 14.49
CA ILE B 52 4.86 25.15 15.74
C ILE B 52 5.77 25.07 16.98
N ARG B 53 6.82 24.25 16.98
CA ARG B 53 7.91 24.31 18.01
C ARG B 53 8.70 25.60 17.77
N ASP B 54 9.52 25.63 16.73
CA ASP B 54 10.54 26.68 16.45
C ASP B 54 9.94 28.11 16.44
N GLU B 55 8.60 28.30 16.53
CA GLU B 55 8.00 29.66 16.46
C GLU B 55 6.58 29.68 17.06
N MET B 56 6.36 29.15 18.28
CA MET B 56 5.09 29.35 19.05
C MET B 56 5.31 28.93 20.51
N SER B 59 6.27 22.79 20.74
CA SER B 59 6.90 21.45 20.62
C SER B 59 5.84 20.34 20.80
N ILE B 60 5.23 19.85 19.70
CA ILE B 60 4.18 18.79 19.68
C ILE B 60 4.87 17.43 19.83
N PRO B 61 4.30 16.51 20.66
CA PRO B 61 4.88 15.18 20.87
C PRO B 61 4.47 14.14 19.81
N SER B 62 5.29 13.11 19.60
CA SER B 62 5.11 12.09 18.53
C SER B 62 3.96 11.12 18.84
N THR B 63 3.60 10.87 20.10
CA THR B 63 2.31 10.18 20.42
C THR B 63 1.14 10.95 19.78
N HIS B 64 1.31 12.23 19.40
CA HIS B 64 0.22 13.16 18.99
C HIS B 64 0.08 13.26 17.46
N ILE B 65 1.09 12.81 16.69
CA ILE B 65 1.13 12.86 15.19
C ILE B 65 0.09 11.88 14.64
N THR B 66 -1.21 12.21 14.74
CA THR B 66 -2.34 11.29 14.41
C THR B 66 -3.62 12.08 14.12
N GLY B 67 -4.66 11.42 13.63
CA GLY B 67 -5.93 12.07 13.24
C GLY B 67 -6.50 12.93 14.33
N LYS B 68 -6.47 12.46 15.59
CA LYS B 68 -7.03 13.18 16.77
C LYS B 68 -6.47 14.61 16.79
N TYR B 69 -5.14 14.75 16.90
CA TYR B 69 -4.40 16.05 16.88
C TYR B 69 -4.62 16.84 15.58
N PHE B 70 -4.37 16.28 14.38
CA PHE B 70 -4.18 17.06 13.13
C PHE B 70 -5.35 16.91 12.12
N LYS B 71 -6.53 16.43 12.53
CA LYS B 71 -7.73 16.31 11.66
C LYS B 71 -8.04 17.66 10.99
N ASP B 72 -8.58 18.62 11.75
CA ASP B 72 -9.09 19.95 11.29
C ASP B 72 -8.04 21.04 11.60
N LEU B 73 -8.23 22.25 11.10
CA LEU B 73 -7.40 23.43 11.50
C LEU B 73 -7.67 23.72 12.99
N ASN B 74 -8.93 23.68 13.41
CA ASN B 74 -9.31 24.03 14.80
C ASN B 74 -8.83 22.93 15.75
N ALA B 75 -8.73 21.69 15.29
CA ALA B 75 -8.11 20.59 16.07
C ALA B 75 -6.62 20.89 16.30
N ILE B 76 -5.88 21.37 15.29
CA ILE B 76 -4.44 21.73 15.46
C ILE B 76 -4.37 22.95 16.40
N SER B 77 -5.39 23.82 16.38
CA SER B 77 -5.51 24.99 17.30
C SER B 77 -5.56 24.47 18.74
N ARG B 78 -6.56 23.63 19.10
CA ARG B 78 -6.76 23.07 20.47
C ARG B 78 -5.43 22.52 20.99
N THR B 79 -4.78 21.67 20.19
CA THR B 79 -3.50 20.97 20.48
C THR B 79 -2.43 21.92 21.01
N VAL B 80 -2.15 23.02 20.31
CA VAL B 80 -1.10 24.00 20.74
C VAL B 80 -1.62 24.76 21.97
N GLU B 81 -2.89 25.22 21.95
CA GLU B 81 -3.57 25.90 23.08
C GLU B 81 -3.37 25.08 24.36
N GLN B 82 -3.69 23.79 24.34
CA GLN B 82 -3.64 22.88 25.53
C GLN B 82 -2.21 22.62 25.98
N LEU B 83 -1.21 22.69 25.08
CA LEU B 83 0.22 22.69 25.48
C LEU B 83 0.53 24.06 26.12
N LYS B 84 0.34 24.19 27.44
CA LYS B 84 0.62 25.43 28.23
C LYS B 84 1.91 25.22 29.03
N ALA B 85 1.93 24.22 29.92
CA ALA B 85 3.07 23.85 30.80
C ALA B 85 2.76 22.54 31.53
#